data_6KK5
#
_entry.id   6KK5
#
_cell.length_a   42.528
_cell.length_b   42.528
_cell.length_c   215.371
_cell.angle_alpha   90.000
_cell.angle_beta   90.000
_cell.angle_gamma   90.000
#
_symmetry.space_group_name_H-M   'P 43 2 2'
#
loop_
_entity.id
_entity.type
_entity.pdbx_description
1 polymer 'Serine protease subunit NS2B'
2 polymer 'NS3 protease'
3 non-polymer 1-[(5~{S},8~{R},15~{S},18~{S})-15,18-bis(4-azanylbutyl)-5-methyl-4,7,14,17,20-pentakis(oxidanylidene)-3,6,13,16,19-pentazabicyclo[20.3.1]hexacosa-1(25),22(26),23-trien-8-yl]guanidine
4 water water
#
loop_
_entity_poly.entity_id
_entity_poly.type
_entity_poly.pdbx_seq_one_letter_code
_entity_poly.pdbx_strand_id
1 'polypeptide(L)' MTGKSVDMYIERAGDITWEKDAEVTGNSPRLDVALDESGDFSLVEEDGPPMRE A
2 'polypeptide(L)'
;GSGALWDVPAPKEVKKGETTDGVYRVMTRRLLGSTQVGVGVMQEGVFHTMWHVTKGAALRSGEGRLDPYWGDVKQDLVSY
CGPWKLDAAWDGLSEVQLLAVPPGERAKNIQTLPGIFKTKDGDIGAVALDYPAGTSGSPILDKCGRVIGLYGNGVVIKNG
SYVSAITQGKREEETPVE
;
B
#
# COMPACT_ATOMS: atom_id res chain seq x y z
N ASP A 7 -11.91 17.72 2.21
CA ASP A 7 -12.56 16.41 2.24
C ASP A 7 -11.95 15.46 1.21
N MET A 8 -11.66 14.25 1.65
CA MET A 8 -11.13 13.22 0.78
C MET A 8 -12.25 12.33 0.26
N TYR A 9 -12.05 11.81 -0.95
CA TYR A 9 -13.01 10.92 -1.56
C TYR A 9 -12.26 9.84 -2.34
N ILE A 10 -12.93 8.69 -2.54
CA ILE A 10 -12.30 7.55 -3.20
C ILE A 10 -12.99 7.31 -4.54
N GLU A 11 -12.22 6.76 -5.49
CA GLU A 11 -12.78 6.38 -6.77
C GLU A 11 -12.09 5.12 -7.29
N ARG A 12 -12.90 4.20 -7.80
CA ARG A 12 -12.40 2.89 -8.17
C ARG A 12 -11.37 3.02 -9.28
N ALA A 13 -10.34 2.19 -9.23
CA ALA A 13 -9.30 2.18 -10.26
C ALA A 13 -9.04 0.82 -10.87
N GLY A 14 -9.64 -0.26 -10.36
CA GLY A 14 -9.46 -1.54 -11.04
C GLY A 14 -9.71 -2.70 -10.12
N ASP A 15 -9.75 -3.88 -10.74
CA ASP A 15 -9.77 -5.14 -10.02
C ASP A 15 -8.38 -5.44 -9.45
N ILE A 16 -8.36 -6.35 -8.47
CA ILE A 16 -7.13 -6.80 -7.85
C ILE A 16 -6.79 -8.14 -8.46
N THR A 17 -5.87 -8.18 -9.40
CA THR A 17 -5.59 -9.43 -10.08
C THR A 17 -4.11 -9.44 -10.45
N TRP A 18 -3.54 -10.65 -10.43
CA TRP A 18 -2.22 -10.89 -11.00
C TRP A 18 -2.27 -10.73 -12.52
N GLU A 19 -1.21 -10.15 -13.09
CA GLU A 19 -1.08 -9.99 -14.53
C GLU A 19 0.06 -10.88 -15.02
N LYS A 20 -0.26 -11.82 -15.91
CA LYS A 20 0.76 -12.73 -16.40
C LYS A 20 1.78 -12.03 -17.29
N ASP A 21 1.36 -10.99 -18.00
CA ASP A 21 2.25 -10.27 -18.90
C ASP A 21 2.93 -9.08 -18.23
N ALA A 22 3.25 -9.17 -16.93
CA ALA A 22 3.67 -8.00 -16.18
C ALA A 22 5.12 -7.62 -16.48
N GLU A 23 5.37 -6.31 -16.52
CA GLU A 23 6.72 -5.77 -16.44
C GLU A 23 7.42 -6.25 -15.17
N VAL A 24 8.71 -6.60 -15.28
CA VAL A 24 9.49 -7.10 -14.16
C VAL A 24 10.66 -6.14 -13.91
N THR A 25 10.91 -5.79 -12.66
CA THR A 25 12.02 -4.90 -12.36
C THR A 25 12.27 -4.90 -10.85
N GLY A 26 13.33 -4.19 -10.44
CA GLY A 26 13.65 -4.07 -9.02
C GLY A 26 14.51 -5.20 -8.51
N ASN A 27 15.42 -4.90 -7.59
CA ASN A 27 16.27 -5.95 -7.02
C ASN A 27 15.65 -6.40 -5.68
N SER A 28 16.40 -7.11 -4.86
CA SER A 28 15.86 -7.76 -3.65
C SER A 28 16.83 -7.54 -2.49
N PRO A 29 16.99 -6.29 -2.07
CA PRO A 29 18.02 -5.98 -1.08
C PRO A 29 17.62 -6.50 0.29
N ARG A 30 18.62 -6.86 1.08
CA ARG A 30 18.42 -7.19 2.48
C ARG A 30 19.01 -6.07 3.33
N LEU A 31 18.17 -5.42 4.13
CA LEU A 31 18.52 -4.20 4.83
C LEU A 31 18.16 -4.31 6.30
N ASP A 32 19.07 -3.91 7.18
CA ASP A 32 18.78 -3.83 8.60
C ASP A 32 18.04 -2.52 8.88
N VAL A 33 16.80 -2.63 9.37
CA VAL A 33 15.98 -1.45 9.58
C VAL A 33 15.41 -1.45 11.00
N ALA A 34 15.08 -0.25 11.47
CA ALA A 34 14.38 -0.04 12.73
C ALA A 34 13.08 0.72 12.45
N LEU A 35 12.02 0.32 13.14
CA LEU A 35 10.71 0.96 13.05
C LEU A 35 10.47 1.72 14.34
N ASP A 36 10.35 3.05 14.27
CA ASP A 36 10.19 3.83 15.47
C ASP A 36 8.70 3.98 15.80
N GLU A 37 8.44 4.63 16.95
CA GLU A 37 7.07 4.76 17.43
C GLU A 37 6.19 5.58 16.48
N SER A 38 6.79 6.44 15.65
CA SER A 38 6.04 7.23 14.68
C SER A 38 5.69 6.46 13.40
N GLY A 39 6.08 5.19 13.29
CA GLY A 39 5.83 4.46 12.06
C GLY A 39 6.81 4.75 10.94
N ASP A 40 8.02 5.23 11.25
CA ASP A 40 9.04 5.52 10.24
C ASP A 40 10.12 4.45 10.31
N PHE A 41 10.38 3.80 9.18
CA PHE A 41 11.55 2.94 9.10
C PHE A 41 12.82 3.78 8.97
N SER A 42 13.92 3.26 9.53
CA SER A 42 15.24 3.87 9.35
C SER A 42 16.27 2.77 9.16
N LEU A 43 17.28 3.06 8.33
CA LEU A 43 18.38 2.12 8.14
C LEU A 43 19.26 2.05 9.38
N VAL A 44 19.68 0.84 9.72
CA VAL A 44 20.52 0.61 10.89
C VAL A 44 21.97 0.39 10.49
N GLU B 18 -20.24 2.99 -3.72
CA GLU B 18 -19.49 1.91 -4.37
C GLU B 18 -18.64 1.15 -3.35
N THR B 19 -19.08 -0.06 -3.03
CA THR B 19 -18.36 -0.94 -2.11
C THR B 19 -17.75 -2.12 -2.82
N THR B 20 -17.84 -2.17 -4.15
CA THR B 20 -17.28 -3.27 -4.91
C THR B 20 -15.81 -3.46 -4.56
N ASP B 21 -15.41 -4.71 -4.32
CA ASP B 21 -14.01 -5.04 -4.11
C ASP B 21 -13.14 -4.43 -5.21
N GLY B 22 -11.88 -4.14 -4.86
CA GLY B 22 -10.98 -3.59 -5.87
C GLY B 22 -10.04 -2.54 -5.29
N VAL B 23 -9.23 -1.94 -6.15
CA VAL B 23 -8.29 -0.88 -5.78
C VAL B 23 -8.91 0.47 -6.11
N TYR B 24 -8.70 1.45 -5.22
CA TYR B 24 -9.31 2.77 -5.30
C TYR B 24 -8.26 3.86 -5.13
N ARG B 25 -8.41 4.96 -5.87
CA ARG B 25 -7.63 6.15 -5.60
C ARG B 25 -8.23 6.91 -4.41
N VAL B 26 -7.38 7.53 -3.63
CA VAL B 26 -7.78 8.46 -2.57
C VAL B 26 -7.44 9.86 -3.07
N MET B 27 -8.46 10.69 -3.27
CA MET B 27 -8.33 12.03 -3.81
C MET B 27 -8.73 13.06 -2.76
N THR B 28 -8.20 14.28 -2.93
CA THR B 28 -8.66 15.43 -2.16
C THR B 28 -8.72 16.63 -3.10
N ARG B 29 -9.50 17.63 -2.70
CA ARG B 29 -9.52 18.89 -3.43
C ARG B 29 -9.22 20.10 -2.54
N ARG B 30 -8.66 19.88 -1.36
CA ARG B 30 -8.23 21.00 -0.52
C ARG B 30 -6.93 21.57 -1.06
N LEU B 31 -6.59 21.21 -2.30
CA LEU B 31 -5.37 21.64 -2.96
C LEU B 31 -5.75 22.09 -4.37
N LEU B 32 -4.73 22.26 -5.21
CA LEU B 32 -4.96 22.72 -6.59
C LEU B 32 -5.52 21.58 -7.41
N GLY B 33 -6.67 21.83 -8.06
CA GLY B 33 -7.31 20.78 -8.83
C GLY B 33 -7.70 19.60 -7.96
N SER B 34 -7.72 18.42 -8.56
CA SER B 34 -7.94 17.18 -7.83
C SER B 34 -6.59 16.50 -7.67
N THR B 35 -6.19 16.25 -6.43
CA THR B 35 -4.90 15.66 -6.13
C THR B 35 -5.10 14.26 -5.57
N GLN B 36 -4.31 13.30 -6.05
CA GLN B 36 -4.35 11.95 -5.53
C GLN B 36 -3.34 11.83 -4.38
N VAL B 37 -3.85 11.65 -3.17
CA VAL B 37 -2.97 11.54 -2.00
C VAL B 37 -2.57 10.10 -1.70
N GLY B 38 -3.31 9.11 -2.21
CA GLY B 38 -2.94 7.74 -1.97
C GLY B 38 -3.87 6.79 -2.69
N VAL B 39 -3.84 5.54 -2.23
CA VAL B 39 -4.51 4.42 -2.88
C VAL B 39 -5.01 3.50 -1.78
N GLY B 40 -6.03 2.71 -2.09
CA GLY B 40 -6.44 1.73 -1.10
C GLY B 40 -7.16 0.55 -1.70
N VAL B 41 -7.50 -0.38 -0.83
CA VAL B 41 -8.07 -1.67 -1.18
C VAL B 41 -9.41 -1.82 -0.47
N MET B 42 -10.46 -2.04 -1.26
CA MET B 42 -11.78 -2.36 -0.75
C MET B 42 -11.94 -3.88 -0.80
N GLN B 43 -12.20 -4.50 0.35
CA GLN B 43 -12.44 -5.94 0.36
C GLN B 43 -13.37 -6.28 1.52
N GLU B 44 -14.41 -7.07 1.23
CA GLU B 44 -15.37 -7.48 2.24
C GLU B 44 -15.98 -6.28 2.95
N GLY B 45 -16.27 -5.22 2.18
CA GLY B 45 -16.94 -4.06 2.74
C GLY B 45 -16.06 -3.19 3.61
N VAL B 46 -14.74 -3.37 3.58
CA VAL B 46 -13.79 -2.61 4.37
C VAL B 46 -12.78 -1.97 3.42
N PHE B 47 -12.51 -0.68 3.62
CA PHE B 47 -11.48 0.02 2.87
C PHE B 47 -10.19 0.06 3.67
N HIS B 48 -9.10 -0.33 3.04
CA HIS B 48 -7.80 -0.48 3.68
C HIS B 48 -6.83 0.49 3.03
N THR B 49 -6.12 1.27 3.84
CA THR B 49 -5.09 2.12 3.26
C THR B 49 -4.05 2.38 4.34
N MET B 50 -3.04 3.18 3.98
CA MET B 50 -1.98 3.49 4.91
C MET B 50 -2.33 4.75 5.71
N TRP B 51 -1.90 4.76 6.98
CA TRP B 51 -2.30 5.87 7.86
C TRP B 51 -1.85 7.21 7.30
N HIS B 52 -0.63 7.30 6.75
CA HIS B 52 -0.14 8.61 6.33
C HIS B 52 -0.87 9.15 5.12
N VAL B 53 -1.72 8.36 4.49
CA VAL B 53 -2.49 8.83 3.35
C VAL B 53 -3.67 9.70 3.81
N THR B 54 -4.48 9.19 4.75
CA THR B 54 -5.65 9.91 5.25
C THR B 54 -5.45 10.53 6.63
N LYS B 55 -4.43 10.11 7.37
CA LYS B 55 -4.25 10.51 8.78
C LYS B 55 -5.53 10.26 9.58
N GLY B 56 -6.28 9.23 9.20
CA GLY B 56 -7.47 8.83 9.92
C GLY B 56 -8.73 9.62 9.62
N ALA B 57 -8.72 10.47 8.60
CA ALA B 57 -9.88 11.29 8.28
C ALA B 57 -10.98 10.48 7.59
N ALA B 58 -12.22 10.93 7.79
CA ALA B 58 -13.34 10.34 7.07
C ALA B 58 -13.17 10.51 5.57
N LEU B 59 -13.82 9.63 4.82
CA LEU B 59 -13.73 9.61 3.38
C LEU B 59 -15.13 9.59 2.79
N ARG B 60 -15.27 10.17 1.61
CA ARG B 60 -16.54 10.15 0.90
C ARG B 60 -16.42 9.15 -0.26
N SER B 61 -17.48 8.38 -0.48
CA SER B 61 -17.52 7.47 -1.62
C SER B 61 -18.87 7.66 -2.31
N GLY B 62 -18.87 8.46 -3.37
CA GLY B 62 -20.13 8.80 -4.00
C GLY B 62 -20.98 9.61 -3.03
N GLU B 63 -22.19 9.11 -2.76
CA GLU B 63 -23.12 9.77 -1.85
C GLU B 63 -22.94 9.34 -0.39
N GLY B 64 -22.17 8.26 -0.15
CA GLY B 64 -21.98 7.77 1.19
C GLY B 64 -20.66 8.20 1.82
N ARG B 65 -20.60 8.12 3.14
CA ARG B 65 -19.40 8.47 3.88
C ARG B 65 -18.81 7.22 4.52
N LEU B 66 -17.49 7.12 4.51
CA LEU B 66 -16.77 6.02 5.13
C LEU B 66 -16.10 6.52 6.41
N ASP B 67 -16.42 5.89 7.52
CA ASP B 67 -15.77 6.41 8.72
C ASP B 67 -14.68 5.46 9.17
N PRO B 68 -13.59 6.00 9.72
CA PRO B 68 -12.49 5.14 10.16
C PRO B 68 -12.95 4.20 11.28
N TYR B 69 -12.40 3.00 11.26
CA TYR B 69 -12.79 1.96 12.19
C TYR B 69 -11.63 1.50 13.07
N TRP B 70 -10.45 1.32 12.48
CA TRP B 70 -9.27 0.91 13.21
C TRP B 70 -8.09 1.59 12.54
N GLY B 71 -7.12 2.00 13.34
CA GLY B 71 -5.91 2.60 12.83
C GLY B 71 -4.77 2.44 13.81
N ASP B 72 -3.55 2.46 13.28
CA ASP B 72 -2.35 2.31 14.11
C ASP B 72 -1.20 3.05 13.44
N VAL B 73 -0.76 4.14 14.05
CA VAL B 73 0.29 4.96 13.43
C VAL B 73 1.58 4.16 13.28
N LYS B 74 1.87 3.26 14.22
CA LYS B 74 3.16 2.56 14.13
C LYS B 74 3.17 1.56 12.98
N GLN B 75 2.04 0.88 12.74
CA GLN B 75 1.94 0.04 11.54
C GLN B 75 1.73 0.86 10.27
N ASP B 76 1.31 2.12 10.42
CA ASP B 76 0.98 3.00 9.31
C ASP B 76 -0.20 2.44 8.50
N LEU B 77 -1.21 1.93 9.20
CA LEU B 77 -2.36 1.33 8.55
C LEU B 77 -3.65 1.91 9.14
N VAL B 78 -4.72 1.85 8.35
CA VAL B 78 -6.04 2.30 8.82
C VAL B 78 -7.09 1.57 8.00
N SER B 79 -8.20 1.21 8.66
CA SER B 79 -9.31 0.59 7.96
C SER B 79 -10.60 1.36 8.22
N TYR B 80 -11.50 1.30 7.25
CA TYR B 80 -12.77 2.03 7.28
C TYR B 80 -13.91 1.02 7.16
N CYS B 81 -14.95 1.21 7.97
CA CYS B 81 -16.22 0.48 7.99
C CYS B 81 -16.11 -0.91 8.59
N GLY B 82 -14.95 -1.33 9.06
CA GLY B 82 -14.83 -2.63 9.67
C GLY B 82 -13.38 -2.89 10.00
N PRO B 83 -13.09 -4.01 10.68
CA PRO B 83 -11.70 -4.32 11.04
C PRO B 83 -10.91 -4.76 9.82
N TRP B 84 -9.58 -4.70 9.97
CA TRP B 84 -8.66 -5.09 8.90
C TRP B 84 -8.96 -6.50 8.41
N LYS B 85 -9.18 -6.66 7.10
CA LYS B 85 -9.58 -7.94 6.51
C LYS B 85 -8.46 -8.68 5.81
N LEU B 86 -7.34 -8.03 5.47
CA LEU B 86 -6.33 -8.62 4.60
C LEU B 86 -5.31 -9.38 5.43
N ASP B 87 -5.20 -10.69 5.20
CA ASP B 87 -4.32 -11.50 6.05
C ASP B 87 -3.37 -12.43 5.28
N ALA B 88 -3.32 -12.35 3.96
CA ALA B 88 -2.30 -13.09 3.24
C ALA B 88 -0.92 -12.47 3.52
N ALA B 89 0.11 -13.31 3.44
CA ALA B 89 1.48 -12.88 3.63
C ALA B 89 2.37 -13.45 2.55
N TRP B 90 3.44 -12.73 2.25
CA TRP B 90 4.47 -13.20 1.32
C TRP B 90 4.99 -14.56 1.79
N ASP B 91 5.12 -15.51 0.84
CA ASP B 91 5.57 -16.85 1.18
C ASP B 91 7.07 -16.84 1.49
N GLY B 92 7.73 -15.73 1.21
CA GLY B 92 9.16 -15.66 1.33
C GLY B 92 9.92 -15.98 0.04
N LEU B 93 9.38 -16.89 -0.77
CA LEU B 93 10.18 -17.42 -1.88
C LEU B 93 9.81 -16.84 -3.24
N SER B 94 8.54 -16.50 -3.46
CA SER B 94 8.10 -16.23 -4.83
C SER B 94 8.08 -14.73 -5.10
N GLU B 95 8.07 -14.40 -6.38
CA GLU B 95 7.85 -13.03 -6.79
C GLU B 95 6.40 -12.62 -6.53
N VAL B 96 6.21 -11.30 -6.49
CA VAL B 96 4.95 -10.67 -6.17
C VAL B 96 4.70 -9.60 -7.21
N GLN B 97 3.52 -8.99 -7.17
CA GLN B 97 3.23 -7.88 -8.06
C GLN B 97 2.69 -6.69 -7.27
N LEU B 98 3.36 -5.55 -7.41
CA LEU B 98 2.80 -4.28 -7.00
C LEU B 98 1.78 -3.82 -8.03
N LEU B 99 0.54 -3.64 -7.61
CA LEU B 99 -0.48 -3.07 -8.48
C LEU B 99 -0.43 -1.57 -8.22
N ALA B 100 0.51 -0.91 -8.91
CA ALA B 100 0.74 0.51 -8.72
C ALA B 100 -0.40 1.28 -9.36
N VAL B 101 -0.97 2.21 -8.60
CA VAL B 101 -1.97 3.13 -9.13
C VAL B 101 -1.42 4.54 -8.97
N PRO B 102 -0.55 5.00 -9.87
CA PRO B 102 0.07 6.32 -9.74
C PRO B 102 -0.94 7.41 -10.07
N PRO B 103 -0.72 8.63 -9.55
CA PRO B 103 -1.68 9.72 -9.82
C PRO B 103 -1.80 10.00 -11.31
N GLY B 104 -3.03 10.15 -11.79
CA GLY B 104 -3.32 10.44 -13.18
C GLY B 104 -2.97 9.35 -14.17
N GLU B 105 -2.64 8.15 -13.71
CA GLU B 105 -2.13 7.09 -14.58
C GLU B 105 -2.87 5.79 -14.28
N ARG B 106 -2.99 4.93 -15.30
CA ARG B 106 -3.73 3.68 -15.12
C ARG B 106 -3.04 2.75 -14.12
N ALA B 107 -3.84 1.92 -13.46
CA ALA B 107 -3.30 0.84 -12.64
C ALA B 107 -2.40 -0.06 -13.48
N LYS B 108 -1.23 -0.36 -12.95
CA LYS B 108 -0.22 -1.11 -13.69
C LYS B 108 0.42 -2.14 -12.76
N ASN B 109 0.47 -3.39 -13.17
CA ASN B 109 1.10 -4.46 -12.37
C ASN B 109 2.61 -4.47 -12.62
N ILE B 110 3.39 -4.47 -11.55
CA ILE B 110 4.85 -4.55 -11.64
C ILE B 110 5.29 -5.77 -10.84
N GLN B 111 5.97 -6.69 -11.50
CA GLN B 111 6.39 -7.92 -10.85
C GLN B 111 7.82 -7.78 -10.32
N THR B 112 8.05 -8.34 -9.13
CA THR B 112 9.38 -8.21 -8.54
C THR B 112 9.59 -9.32 -7.53
N LEU B 113 10.86 -9.58 -7.22
CA LEU B 113 11.17 -10.50 -6.13
C LEU B 113 11.48 -9.68 -4.88
N PRO B 114 10.66 -9.74 -3.83
CA PRO B 114 10.90 -8.86 -2.68
C PRO B 114 12.27 -9.09 -2.06
N GLY B 115 12.88 -8.01 -1.60
CA GLY B 115 13.92 -8.09 -0.61
C GLY B 115 13.31 -8.25 0.79
N ILE B 116 14.11 -7.91 1.80
CA ILE B 116 13.78 -8.19 3.20
C ILE B 116 14.20 -7.01 4.09
N PHE B 117 13.27 -6.52 4.91
CA PHE B 117 13.64 -5.66 6.03
C PHE B 117 13.92 -6.55 7.24
N LYS B 118 15.16 -6.54 7.73
CA LYS B 118 15.50 -7.26 8.96
C LYS B 118 15.33 -6.31 10.15
N THR B 119 14.42 -6.66 11.05
CA THR B 119 14.18 -5.82 12.22
C THR B 119 14.41 -6.62 13.49
N LYS B 120 14.45 -5.90 14.62
CA LYS B 120 14.62 -6.53 15.92
C LYS B 120 13.51 -7.54 16.19
N ASP B 121 12.31 -7.29 15.68
CA ASP B 121 11.15 -8.13 15.93
C ASP B 121 10.91 -9.17 14.85
N GLY B 122 11.70 -9.19 13.80
CA GLY B 122 11.54 -10.17 12.75
C GLY B 122 11.79 -9.56 11.39
N ASP B 123 11.48 -10.33 10.36
CA ASP B 123 11.76 -9.95 8.99
C ASP B 123 10.47 -9.66 8.23
N ILE B 124 10.51 -8.61 7.40
CA ILE B 124 9.38 -8.13 6.61
C ILE B 124 9.81 -8.08 5.15
N GLY B 125 8.98 -8.60 4.27
CA GLY B 125 9.24 -8.42 2.85
C GLY B 125 9.26 -6.95 2.46
N ALA B 126 10.07 -6.63 1.46
CA ALA B 126 10.17 -5.27 0.98
C ALA B 126 10.35 -5.28 -0.53
N VAL B 127 9.82 -4.26 -1.22
CA VAL B 127 9.95 -4.19 -2.68
C VAL B 127 10.72 -2.94 -3.07
N ALA B 128 11.68 -3.09 -4.01
CA ALA B 128 12.53 -1.98 -4.40
C ALA B 128 11.96 -1.33 -5.66
N LEU B 129 10.83 -0.63 -5.48
CA LEU B 129 10.12 0.06 -6.54
C LEU B 129 9.81 1.48 -6.10
N ASP B 130 10.05 2.45 -6.99
CA ASP B 130 9.92 3.87 -6.66
C ASP B 130 8.78 4.47 -7.47
N TYR B 131 7.81 5.07 -6.78
CA TYR B 131 6.66 5.68 -7.42
C TYR B 131 6.34 6.99 -6.71
N PRO B 132 5.56 7.87 -7.35
CA PRO B 132 5.15 9.11 -6.69
C PRO B 132 4.44 8.87 -5.36
N ALA B 133 4.52 9.88 -4.49
CA ALA B 133 4.02 9.74 -3.13
C ALA B 133 2.55 9.32 -3.12
N GLY B 134 1.76 9.84 -4.05
CA GLY B 134 0.35 9.50 -4.16
C GLY B 134 0.05 8.07 -4.57
N THR B 135 1.11 7.29 -4.81
CA THR B 135 0.93 5.85 -5.00
C THR B 135 0.82 5.11 -3.67
N SER B 136 1.10 5.78 -2.54
CA SER B 136 0.99 5.17 -1.21
C SER B 136 -0.32 4.44 -1.02
N GLY B 137 -0.23 3.19 -0.56
CA GLY B 137 -1.42 2.40 -0.33
C GLY B 137 -1.76 1.43 -1.44
N SER B 138 -1.00 1.44 -2.53
CA SER B 138 -1.25 0.48 -3.60
C SER B 138 -1.00 -0.94 -3.11
N PRO B 139 -1.85 -1.91 -3.48
CA PRO B 139 -1.67 -3.28 -3.00
C PRO B 139 -0.53 -4.03 -3.69
N ILE B 140 0.10 -4.89 -2.91
CA ILE B 140 1.04 -5.91 -3.40
C ILE B 140 0.33 -7.26 -3.29
N LEU B 141 0.46 -8.08 -4.33
CA LEU B 141 -0.31 -9.32 -4.45
C LEU B 141 0.61 -10.50 -4.67
N ASP B 142 0.15 -11.67 -4.22
CA ASP B 142 0.82 -12.92 -4.57
C ASP B 142 0.18 -13.50 -5.83
N LYS B 143 0.70 -14.65 -6.27
CA LYS B 143 0.29 -15.25 -7.52
C LYS B 143 -1.15 -15.74 -7.51
N CYS B 144 -1.72 -16.02 -6.33
CA CYS B 144 -3.13 -16.37 -6.27
C CYS B 144 -4.03 -15.13 -6.20
N GLY B 145 -3.47 -13.93 -6.35
CA GLY B 145 -4.25 -12.68 -6.36
C GLY B 145 -4.54 -12.07 -5.00
N ARG B 146 -4.09 -12.68 -3.91
CA ARG B 146 -4.40 -12.15 -2.58
C ARG B 146 -3.50 -10.97 -2.24
N VAL B 147 -4.06 -10.01 -1.50
CA VAL B 147 -3.28 -8.85 -1.08
C VAL B 147 -2.42 -9.24 0.11
N ILE B 148 -1.10 -9.14 -0.04
CA ILE B 148 -0.17 -9.50 1.03
C ILE B 148 0.38 -8.27 1.74
N GLY B 149 -0.02 -7.08 1.32
CA GLY B 149 0.37 -5.88 2.02
C GLY B 149 0.16 -4.66 1.14
N LEU B 150 0.48 -3.49 1.71
CA LEU B 150 0.31 -2.21 1.04
C LEU B 150 1.66 -1.52 0.88
N TYR B 151 1.79 -0.79 -0.23
CA TYR B 151 3.03 -0.15 -0.61
C TYR B 151 3.07 1.28 -0.08
N GLY B 152 4.24 1.71 0.39
CA GLY B 152 4.38 3.14 0.65
C GLY B 152 5.06 3.58 1.93
N ASN B 153 5.42 2.63 2.80
CA ASN B 153 6.18 2.92 4.01
C ASN B 153 7.54 2.24 3.89
N GLY B 154 8.60 3.03 3.76
CA GLY B 154 9.90 2.45 3.50
C GLY B 154 11.07 3.31 3.88
N VAL B 155 12.20 3.09 3.18
CA VAL B 155 13.47 3.74 3.46
C VAL B 155 14.11 4.17 2.15
N VAL B 156 15.08 5.07 2.28
CA VAL B 156 15.87 5.55 1.15
C VAL B 156 17.29 5.08 1.36
N ILE B 157 17.83 4.36 0.36
CA ILE B 157 19.13 3.74 0.53
C ILE B 157 20.21 4.64 -0.07
N LYS B 158 21.45 4.13 -0.09
CA LYS B 158 22.61 4.90 -0.54
C LYS B 158 22.35 5.60 -1.88
N ASN B 159 21.96 4.81 -2.89
CA ASN B 159 21.61 5.29 -4.22
C ASN B 159 20.82 6.59 -4.19
N GLY B 160 19.85 6.66 -3.27
CA GLY B 160 18.88 7.75 -3.26
C GLY B 160 17.48 7.33 -3.67
N SER B 161 17.28 6.06 -4.02
CA SER B 161 15.94 5.56 -4.30
C SER B 161 15.42 4.72 -3.14
N TYR B 162 14.27 4.11 -3.39
CA TYR B 162 13.28 3.76 -2.39
C TYR B 162 13.09 2.26 -2.32
N VAL B 163 12.92 1.77 -1.09
CA VAL B 163 12.50 0.40 -0.79
C VAL B 163 11.36 0.47 0.20
N SER B 164 10.20 -0.03 -0.19
CA SER B 164 9.01 -0.03 0.66
C SER B 164 8.84 -1.37 1.35
N ALA B 165 8.50 -1.33 2.63
CA ALA B 165 8.01 -2.53 3.29
C ALA B 165 6.77 -3.03 2.56
N ILE B 166 6.57 -4.35 2.62
CA ILE B 166 5.27 -4.95 2.34
C ILE B 166 4.50 -4.93 3.66
N THR B 167 3.70 -3.89 3.87
CA THR B 167 3.06 -3.62 5.17
C THR B 167 1.71 -4.35 5.20
N GLN B 168 1.58 -5.31 6.10
CA GLN B 168 0.34 -6.06 6.25
C GLN B 168 -0.18 -5.93 7.67
N GLY B 169 -1.50 -5.92 7.83
CA GLY B 169 -2.12 -5.88 9.14
C GLY B 169 -2.34 -7.27 9.71
N LYS B 170 -3.02 -7.30 10.85
CA LYS B 170 -3.37 -8.56 11.50
C LYS B 170 -4.88 -8.77 11.49
#